data_6N3X
#
_entry.id   6N3X
#
_cell.length_a   77.877
_cell.length_b   46.410
_cell.length_c   64.032
_cell.angle_alpha   90.000
_cell.angle_beta   94.460
_cell.angle_gamma   90.000
#
_symmetry.space_group_name_H-M   'C 1 2 1'
#
loop_
_entity.id
_entity.type
_entity.pdbx_description
1 polymer 'Histidine triad nucleotide-binding protein 1'
2 non-polymer "5'-O-(benzylcarbamoyl)guanosine"
3 non-polymer 1,2-ETHANEDIOL
4 non-polymer 'CHLORIDE ION'
5 water water
#
_entity_poly.entity_id   1
_entity_poly.type   'polypeptide(L)'
_entity_poly.pdbx_seq_one_letter_code
;SNAMADEIAKAQVARPGGDTIFGKIIRKEIPAKIIFEDDRCLAFHDISPQAPTHFLVIPKKHISQISVAEDDDESLLGHL
MIVGKKCAADLGLNKGYRMVVNEGSDGGQSVYHVHLHVLGGRQMHWPPG
;
_entity_poly.pdbx_strand_id   A,B
#
loop_
_chem_comp.id
_chem_comp.type
_chem_comp.name
_chem_comp.formula
CL non-polymer 'CHLORIDE ION' 'Cl -1'
EDO non-polymer 1,2-ETHANEDIOL 'C2 H6 O2'
KBD non-polymer 5'-O-(benzylcarbamoyl)guanosine 'C18 H20 N6 O6'
#
# COMPACT_ATOMS: atom_id res chain seq x y z
N ARG A 15 -18.95 -1.95 20.15
CA ARG A 15 -19.32 -1.28 18.91
C ARG A 15 -18.43 -1.72 17.76
N PRO A 16 -19.03 -2.15 16.65
CA PRO A 16 -18.24 -2.68 15.54
C PRO A 16 -17.34 -1.60 14.93
N GLY A 17 -16.07 -1.95 14.74
CA GLY A 17 -15.07 -1.05 14.22
C GLY A 17 -14.16 -0.45 15.28
N GLY A 18 -14.56 -0.52 16.54
CA GLY A 18 -13.76 0.03 17.62
C GLY A 18 -13.97 1.51 17.81
N ASP A 19 -13.19 2.09 18.73
CA ASP A 19 -13.36 3.48 19.13
C ASP A 19 -12.22 4.41 18.75
N THR A 20 -11.30 3.96 17.88
CA THR A 20 -10.45 4.94 17.23
C THR A 20 -11.33 5.90 16.42
N ILE A 21 -10.73 7.01 16.03
CA ILE A 21 -11.42 7.98 15.19
C ILE A 21 -12.01 7.30 13.96
N PHE A 22 -11.30 6.31 13.41
CA PHE A 22 -11.78 5.64 12.21
C PHE A 22 -12.99 4.75 12.51
N GLY A 23 -12.98 4.07 13.66
CA GLY A 23 -14.17 3.33 14.06
C GLY A 23 -15.37 4.23 14.24
N LYS A 24 -15.17 5.40 14.85
CA LYS A 24 -16.24 6.37 15.00
C LYS A 24 -16.76 6.85 13.64
N ILE A 25 -15.85 7.09 12.68
CA ILE A 25 -16.25 7.50 11.35
C ILE A 25 -17.07 6.41 10.67
N ILE A 26 -16.65 5.14 10.81
CA ILE A 26 -17.38 4.02 10.21
C ILE A 26 -18.84 4.02 10.66
N ARG A 27 -19.07 4.28 11.95
CA ARG A 27 -20.41 4.24 12.52
C ARG A 27 -21.16 5.56 12.40
N LYS A 28 -20.64 6.52 11.63
CA LYS A 28 -21.29 7.81 11.42
C LYS A 28 -21.39 8.63 12.70
N GLU A 29 -20.55 8.36 13.69
CA GLU A 29 -20.58 9.09 14.95
C GLU A 29 -19.74 10.36 14.90
N ILE A 30 -18.78 10.42 13.97
CA ILE A 30 -17.98 11.61 13.71
C ILE A 30 -18.04 11.84 12.21
N PRO A 31 -18.26 13.06 11.73
CA PRO A 31 -18.43 13.27 10.29
C PRO A 31 -17.14 13.12 9.52
N ALA A 32 -17.28 12.73 8.25
CA ALA A 32 -16.18 12.65 7.32
C ALA A 32 -16.72 12.93 5.93
N LYS A 33 -15.82 13.24 5.01
CA LYS A 33 -16.18 13.51 3.62
C LYS A 33 -15.96 12.20 2.86
N ILE A 34 -17.05 11.46 2.70
N ILE A 34 -17.05 11.47 2.66
CA ILE A 34 -17.02 10.11 2.16
CA ILE A 34 -16.97 10.09 2.17
C ILE A 34 -16.94 10.16 0.64
C ILE A 34 -17.02 10.07 0.66
N ILE A 35 -16.11 9.30 0.07
CA ILE A 35 -15.99 9.14 -1.37
C ILE A 35 -16.71 7.88 -1.85
N PHE A 36 -16.56 6.79 -1.11
CA PHE A 36 -17.09 5.50 -1.49
C PHE A 36 -17.29 4.67 -0.23
N GLU A 37 -18.32 3.82 -0.24
CA GLU A 37 -18.59 2.95 0.89
C GLU A 37 -19.16 1.64 0.37
N ASP A 38 -18.66 0.52 0.89
CA ASP A 38 -19.30 -0.77 0.66
C ASP A 38 -19.32 -1.54 1.98
N ASP A 39 -19.68 -2.82 1.91
CA ASP A 39 -19.79 -3.62 3.12
C ASP A 39 -18.44 -3.91 3.76
N ARG A 40 -17.35 -3.78 3.02
N ARG A 40 -17.34 -3.78 3.03
CA ARG A 40 -16.02 -4.12 3.51
CA ARG A 40 -16.03 -4.12 3.56
C ARG A 40 -15.17 -2.92 3.88
C ARG A 40 -15.15 -2.92 3.87
N CYS A 41 -15.44 -1.74 3.32
CA CYS A 41 -14.50 -0.65 3.45
C CYS A 41 -15.18 0.70 3.24
N LEU A 42 -14.39 1.74 3.52
CA LEU A 42 -14.84 3.11 3.44
C LEU A 42 -13.67 3.95 2.94
N ALA A 43 -13.95 4.83 1.98
CA ALA A 43 -12.95 5.77 1.47
C ALA A 43 -13.42 7.19 1.79
N PHE A 44 -12.52 8.01 2.35
CA PHE A 44 -12.89 9.35 2.80
C PHE A 44 -11.66 10.23 2.79
N HIS A 45 -11.87 11.54 2.68
CA HIS A 45 -10.75 12.46 2.55
C HIS A 45 -10.01 12.64 3.87
N ASP A 46 -8.69 12.82 3.78
CA ASP A 46 -7.87 13.05 4.95
C ASP A 46 -8.01 14.51 5.40
N ILE A 47 -8.21 14.74 6.70
N ILE A 47 -8.18 14.70 6.71
CA ILE A 47 -8.42 16.11 7.16
CA ILE A 47 -8.39 16.02 7.30
C ILE A 47 -7.14 16.94 7.13
C ILE A 47 -7.12 16.87 7.28
N SER A 48 -5.97 16.29 7.07
N SER A 48 -5.96 16.25 7.07
CA SER A 48 -4.68 16.98 7.01
CA SER A 48 -4.69 16.97 7.01
C SER A 48 -3.98 16.57 5.72
C SER A 48 -3.97 16.57 5.72
N PRO A 49 -4.48 17.03 4.57
CA PRO A 49 -3.96 16.54 3.29
C PRO A 49 -2.52 16.94 3.05
N GLN A 50 -1.75 16.00 2.52
CA GLN A 50 -0.35 16.20 2.18
C GLN A 50 -0.14 16.35 0.68
N ALA A 51 -1.22 16.34 -0.10
CA ALA A 51 -1.19 16.53 -1.53
C ALA A 51 -2.53 17.14 -1.92
N PRO A 52 -2.64 17.69 -3.12
CA PRO A 52 -3.91 18.31 -3.51
C PRO A 52 -5.12 17.39 -3.36
N THR A 53 -4.95 16.09 -3.64
CA THR A 53 -5.92 15.08 -3.26
C THR A 53 -5.24 14.09 -2.32
N HIS A 54 -5.86 13.83 -1.18
CA HIS A 54 -5.31 12.91 -0.20
C HIS A 54 -6.48 12.28 0.52
N PHE A 55 -6.69 11.00 0.29
CA PHE A 55 -7.79 10.28 0.91
C PHE A 55 -7.28 8.99 1.54
N LEU A 56 -8.18 8.35 2.30
CA LEU A 56 -7.88 7.14 3.04
C LEU A 56 -8.90 6.08 2.64
N VAL A 57 -8.45 4.83 2.57
CA VAL A 57 -9.35 3.70 2.41
C VAL A 57 -9.12 2.79 3.59
N ILE A 58 -10.19 2.48 4.32
CA ILE A 58 -10.07 1.72 5.56
C ILE A 58 -11.01 0.51 5.53
N PRO A 59 -10.64 -0.60 6.15
N PRO A 59 -10.63 -0.61 6.12
CA PRO A 59 -11.60 -1.69 6.33
CA PRO A 59 -11.60 -1.69 6.32
C PRO A 59 -12.62 -1.30 7.39
C PRO A 59 -12.62 -1.29 7.39
N LYS A 60 -13.83 -1.84 7.25
CA LYS A 60 -14.81 -1.72 8.32
C LYS A 60 -14.46 -2.63 9.48
N LYS A 61 -13.91 -3.81 9.19
CA LYS A 61 -13.36 -4.67 10.22
C LYS A 61 -12.18 -3.98 10.90
N HIS A 62 -12.15 -3.99 12.22
CA HIS A 62 -11.04 -3.36 12.94
C HIS A 62 -9.83 -4.29 12.96
N ILE A 63 -8.74 -3.84 12.35
CA ILE A 63 -7.41 -4.43 12.45
C ILE A 63 -6.50 -3.29 12.87
N SER A 64 -5.72 -3.49 13.94
CA SER A 64 -5.00 -2.36 14.52
C SER A 64 -3.88 -1.87 13.60
N GLN A 65 -3.20 -2.79 12.93
CA GLN A 65 -2.00 -2.43 12.17
C GLN A 65 -1.68 -3.61 11.26
N ILE A 66 -0.98 -3.31 10.16
CA ILE A 66 -0.76 -4.33 9.15
C ILE A 66 0.06 -5.49 9.72
N SER A 67 0.91 -5.23 10.69
N SER A 67 0.91 -5.23 10.70
CA SER A 67 1.76 -6.28 11.23
CA SER A 67 1.76 -6.28 11.25
C SER A 67 0.97 -7.38 11.93
C SER A 67 0.97 -7.39 11.93
N VAL A 68 -0.29 -7.14 12.32
CA VAL A 68 -1.11 -8.15 12.96
C VAL A 68 -2.22 -8.67 12.05
N ALA A 69 -2.25 -8.25 10.78
CA ALA A 69 -3.24 -8.80 9.86
C ALA A 69 -3.08 -10.31 9.72
N GLU A 70 -4.21 -11.00 9.56
CA GLU A 70 -4.20 -12.45 9.43
C GLU A 70 -4.13 -12.86 7.96
N ASP A 71 -3.71 -14.11 7.74
CA ASP A 71 -3.61 -14.62 6.37
C ASP A 71 -4.93 -14.47 5.63
N ASP A 72 -6.05 -14.71 6.32
CA ASP A 72 -7.35 -14.65 5.65
C ASP A 72 -7.83 -13.23 5.40
N ASP A 73 -7.06 -12.22 5.81
CA ASP A 73 -7.33 -10.82 5.49
C ASP A 73 -6.83 -10.42 4.11
N GLU A 74 -6.27 -11.35 3.32
CA GLU A 74 -5.68 -10.98 2.03
C GLU A 74 -6.67 -10.31 1.12
N SER A 75 -7.85 -10.92 0.95
N SER A 75 -7.86 -10.90 0.96
N SER A 75 -7.86 -10.91 0.96
CA SER A 75 -8.85 -10.35 0.06
CA SER A 75 -8.83 -10.32 0.04
CA SER A 75 -8.86 -10.34 0.05
C SER A 75 -9.23 -8.93 0.50
C SER A 75 -9.26 -8.93 0.49
C SER A 75 -9.23 -8.93 0.49
N LEU A 76 -9.42 -8.74 1.80
CA LEU A 76 -9.81 -7.43 2.32
C LEU A 76 -8.73 -6.38 2.06
N LEU A 77 -7.47 -6.73 2.33
CA LEU A 77 -6.38 -5.80 2.09
C LEU A 77 -6.27 -5.45 0.61
N GLY A 78 -6.36 -6.45 -0.26
CA GLY A 78 -6.37 -6.18 -1.69
C GLY A 78 -7.55 -5.31 -2.10
N HIS A 79 -8.71 -5.52 -1.46
CA HIS A 79 -9.88 -4.71 -1.77
C HIS A 79 -9.63 -3.24 -1.48
N LEU A 80 -8.86 -2.94 -0.42
CA LEU A 80 -8.53 -1.55 -0.15
C LEU A 80 -7.80 -0.92 -1.33
N MET A 81 -6.88 -1.67 -1.94
N MET A 81 -6.89 -1.67 -1.97
N MET A 81 -6.90 -1.68 -1.96
CA MET A 81 -6.13 -1.16 -3.09
CA MET A 81 -6.15 -1.11 -3.08
CA MET A 81 -6.12 -1.15 -3.08
C MET A 81 -7.02 -1.01 -4.31
C MET A 81 -6.99 -1.02 -4.35
C MET A 81 -6.98 -1.03 -4.35
N ILE A 82 -7.88 -1.99 -4.57
CA ILE A 82 -8.77 -1.91 -5.73
C ILE A 82 -9.72 -0.72 -5.57
N VAL A 83 -10.32 -0.58 -4.39
CA VAL A 83 -11.16 0.58 -4.13
C VAL A 83 -10.36 1.88 -4.24
N GLY A 84 -9.13 1.89 -3.71
CA GLY A 84 -8.29 3.06 -3.81
C GLY A 84 -8.03 3.48 -5.24
N LYS A 85 -7.70 2.51 -6.10
CA LYS A 85 -7.41 2.87 -7.49
C LYS A 85 -8.67 3.30 -8.23
N LYS A 86 -9.82 2.70 -7.91
CA LYS A 86 -11.06 3.14 -8.54
C LYS A 86 -11.45 4.54 -8.08
N CYS A 87 -11.32 4.82 -6.78
CA CYS A 87 -11.61 6.17 -6.30
C CYS A 87 -10.66 7.19 -6.91
N ALA A 88 -9.39 6.86 -7.06
CA ALA A 88 -8.43 7.80 -7.66
C ALA A 88 -8.83 8.13 -9.08
N ALA A 89 -9.27 7.13 -9.85
CA ALA A 89 -9.76 7.40 -11.20
C ALA A 89 -11.01 8.26 -11.17
N ASP A 90 -11.93 7.98 -10.25
CA ASP A 90 -13.15 8.77 -10.16
C ASP A 90 -12.87 10.21 -9.77
N LEU A 91 -11.78 10.44 -9.04
CA LEU A 91 -11.37 11.78 -8.63
C LEU A 91 -10.46 12.45 -9.66
N GLY A 92 -10.29 11.85 -10.84
CA GLY A 92 -9.55 12.51 -11.89
C GLY A 92 -8.05 12.55 -11.72
N LEU A 93 -7.47 11.60 -10.96
CA LEU A 93 -6.03 11.57 -10.76
C LEU A 93 -5.33 10.87 -11.93
N ASN A 94 -5.49 11.47 -13.12
CA ASN A 94 -5.08 10.82 -14.36
C ASN A 94 -3.58 10.82 -14.58
N LYS A 95 -2.81 11.60 -13.82
CA LYS A 95 -1.35 11.54 -13.90
C LYS A 95 -0.75 10.56 -12.92
N GLY A 96 -1.55 9.96 -12.04
CA GLY A 96 -1.06 8.96 -11.11
C GLY A 96 -1.21 9.40 -9.68
N TYR A 97 -0.63 8.60 -8.79
CA TYR A 97 -0.86 8.77 -7.35
C TYR A 97 0.06 7.79 -6.63
N ARG A 98 0.14 7.97 -5.31
CA ARG A 98 0.93 7.10 -4.44
C ARG A 98 0.04 6.53 -3.36
N MET A 99 0.15 5.23 -3.12
CA MET A 99 -0.54 4.53 -2.05
C MET A 99 0.44 4.21 -0.95
N VAL A 100 0.05 4.43 0.30
CA VAL A 100 0.94 4.29 1.45
C VAL A 100 0.22 3.58 2.59
N VAL A 101 0.87 2.57 3.18
CA VAL A 101 0.46 2.01 4.46
C VAL A 101 1.59 2.25 5.46
N ASN A 102 1.26 2.86 6.58
CA ASN A 102 2.22 3.12 7.65
C ASN A 102 2.04 2.07 8.75
N GLU A 103 3.15 1.49 9.19
CA GLU A 103 3.15 0.53 10.29
C GLU A 103 3.99 1.06 11.44
N GLY A 104 3.37 1.22 12.60
CA GLY A 104 4.13 1.46 13.80
C GLY A 104 4.83 2.81 13.85
N SER A 105 5.77 2.90 14.80
N SER A 105 5.77 2.92 14.80
CA SER A 105 6.42 4.16 15.10
CA SER A 105 6.39 4.21 15.07
C SER A 105 7.30 4.62 13.93
C SER A 105 7.30 4.64 13.92
N ASP A 106 8.16 3.74 13.44
CA ASP A 106 9.04 4.11 12.33
C ASP A 106 8.26 4.36 11.05
N GLY A 107 7.10 3.72 10.90
CA GLY A 107 6.27 3.98 9.74
C GLY A 107 5.46 5.26 9.83
N GLY A 108 5.43 5.90 10.99
CA GLY A 108 4.62 7.08 11.13
C GLY A 108 3.15 6.82 11.33
N GLN A 109 2.78 5.65 11.85
CA GLN A 109 1.37 5.37 12.09
C GLN A 109 0.88 6.15 13.30
N SER A 110 -0.22 6.89 13.13
CA SER A 110 -0.80 7.67 14.23
C SER A 110 -2.17 7.18 14.68
N VAL A 111 -2.87 6.43 13.84
CA VAL A 111 -4.18 5.86 14.18
C VAL A 111 -4.05 4.35 14.00
N TYR A 112 -4.34 3.60 15.06
CA TYR A 112 -4.19 2.15 15.06
C TYR A 112 -5.48 1.45 14.62
N HIS A 113 -5.84 1.77 13.37
CA HIS A 113 -6.84 1.06 12.59
C HIS A 113 -6.29 1.10 11.17
N VAL A 114 -6.09 -0.07 10.56
CA VAL A 114 -5.41 -0.17 9.27
C VAL A 114 -6.02 0.80 8.26
N HIS A 115 -5.17 1.46 7.49
CA HIS A 115 -5.64 2.43 6.52
C HIS A 115 -4.63 2.57 5.39
N LEU A 116 -5.16 2.78 4.18
CA LEU A 116 -4.37 3.03 2.99
C LEU A 116 -4.51 4.50 2.61
N HIS A 117 -3.39 5.23 2.62
CA HIS A 117 -3.38 6.59 2.09
C HIS A 117 -3.29 6.54 0.58
N VAL A 118 -3.99 7.45 -0.10
CA VAL A 118 -3.86 7.66 -1.52
C VAL A 118 -3.65 9.15 -1.75
N LEU A 119 -2.52 9.51 -2.36
CA LEU A 119 -2.11 10.90 -2.54
C LEU A 119 -1.87 11.18 -4.02
N GLY A 120 -2.36 12.31 -4.50
CA GLY A 120 -2.10 12.69 -5.87
C GLY A 120 -2.41 14.14 -6.12
N GLY A 121 -2.42 14.50 -7.41
CA GLY A 121 -2.63 15.87 -7.82
C GLY A 121 -1.39 16.73 -7.81
N ARG A 122 -0.23 16.14 -7.54
CA ARG A 122 1.06 16.81 -7.66
C ARG A 122 2.10 15.73 -7.91
N GLN A 123 3.29 16.15 -8.31
CA GLN A 123 4.41 15.22 -8.42
C GLN A 123 4.80 14.75 -7.02
N MET A 124 4.79 13.44 -6.79
CA MET A 124 5.33 12.87 -5.57
C MET A 124 6.82 12.62 -5.74
N HIS A 125 7.56 12.75 -4.65
N HIS A 125 7.56 12.75 -4.65
CA HIS A 125 9.01 12.74 -4.67
CA HIS A 125 9.02 12.72 -4.70
C HIS A 125 9.55 11.44 -4.09
C HIS A 125 9.54 11.41 -4.11
N TRP A 126 10.82 11.17 -4.36
CA TRP A 126 11.49 10.00 -3.83
C TRP A 126 12.68 10.48 -3.01
N PRO A 127 12.94 9.90 -1.83
CA PRO A 127 12.24 8.79 -1.18
C PRO A 127 10.85 9.18 -0.66
N PRO A 128 10.01 8.17 -0.38
CA PRO A 128 8.64 8.45 0.10
C PRO A 128 8.63 8.71 1.61
N GLY A 129 9.28 9.80 2.01
CA GLY A 129 9.55 10.05 3.41
C GLY A 129 10.82 9.36 3.87
N GLY B 18 4.89 -4.97 -22.46
CA GLY B 18 6.30 -5.19 -22.68
C GLY B 18 7.04 -5.64 -21.44
N ASP B 19 8.09 -6.44 -21.64
CA ASP B 19 8.89 -6.96 -20.54
C ASP B 19 9.56 -5.81 -19.79
N THR B 20 9.90 -6.06 -18.53
CA THR B 20 10.66 -5.12 -17.72
C THR B 20 11.78 -5.85 -17.02
N ILE B 21 12.64 -5.07 -16.38
CA ILE B 21 13.73 -5.63 -15.60
C ILE B 21 13.20 -6.52 -14.48
N PHE B 22 12.00 -6.21 -13.95
CA PHE B 22 11.44 -7.08 -12.92
C PHE B 22 11.01 -8.43 -13.48
N GLY B 23 10.56 -8.47 -14.74
CA GLY B 23 10.34 -9.73 -15.40
C GLY B 23 11.61 -10.55 -15.50
N LYS B 24 12.73 -9.91 -15.84
CA LYS B 24 14.01 -10.61 -15.89
C LYS B 24 14.40 -11.15 -14.53
N ILE B 25 14.14 -10.38 -13.47
CA ILE B 25 14.45 -10.85 -12.12
C ILE B 25 13.60 -12.07 -11.76
N ILE B 26 12.30 -12.03 -12.06
CA ILE B 26 11.42 -13.17 -11.79
C ILE B 26 11.90 -14.41 -12.52
N ARG B 27 12.34 -14.26 -13.77
CA ARG B 27 12.80 -15.38 -14.57
C ARG B 27 14.21 -15.83 -14.22
N LYS B 28 14.84 -15.16 -13.25
N LYS B 28 14.84 -15.18 -13.24
CA LYS B 28 16.18 -15.47 -12.78
CA LYS B 28 16.20 -15.49 -12.79
C LYS B 28 17.26 -15.18 -13.82
C LYS B 28 17.25 -15.23 -13.86
N GLU B 29 16.95 -14.34 -14.80
CA GLU B 29 17.90 -14.01 -15.86
C GLU B 29 18.97 -13.03 -15.40
N ILE B 30 18.64 -12.16 -14.44
CA ILE B 30 19.66 -11.31 -13.83
C ILE B 30 19.53 -11.44 -12.31
N PRO B 31 20.59 -11.16 -11.58
CA PRO B 31 20.57 -11.42 -10.14
C PRO B 31 19.82 -10.36 -9.36
N ALA B 32 19.32 -10.78 -8.20
CA ALA B 32 18.78 -9.92 -7.17
C ALA B 32 18.93 -10.66 -5.86
N LYS B 33 18.94 -9.93 -4.75
CA LYS B 33 19.04 -10.54 -3.43
C LYS B 33 17.64 -10.94 -3.00
N ILE B 34 17.29 -12.20 -3.23
CA ILE B 34 15.93 -12.69 -3.02
C ILE B 34 15.71 -12.96 -1.54
N ILE B 35 14.59 -12.48 -1.01
CA ILE B 35 14.21 -12.68 0.37
C ILE B 35 13.22 -13.82 0.52
N PHE B 36 12.26 -13.92 -0.40
CA PHE B 36 11.21 -14.90 -0.30
C PHE B 36 10.62 -15.12 -1.68
N GLU B 37 10.15 -16.34 -1.92
CA GLU B 37 9.47 -16.65 -3.17
C GLU B 37 8.36 -17.64 -2.87
N ASP B 38 7.28 -17.56 -3.63
CA ASP B 38 6.29 -18.64 -3.65
C ASP B 38 5.84 -18.81 -5.10
N ASP B 39 4.68 -19.45 -5.29
CA ASP B 39 4.20 -19.71 -6.65
C ASP B 39 3.65 -18.47 -7.34
N ARG B 40 3.47 -17.36 -6.62
CA ARG B 40 2.76 -16.24 -7.20
C ARG B 40 3.40 -14.89 -6.93
N CYS B 41 4.50 -14.83 -6.18
CA CYS B 41 5.17 -13.56 -5.93
C CYS B 41 6.63 -13.79 -5.58
N LEU B 42 7.38 -12.69 -5.57
CA LEU B 42 8.80 -12.69 -5.29
C LEU B 42 9.11 -11.45 -4.49
N ALA B 43 9.89 -11.60 -3.42
CA ALA B 43 10.36 -10.48 -2.63
C ALA B 43 11.88 -10.41 -2.69
N PHE B 44 12.43 -9.21 -2.90
CA PHE B 44 13.86 -9.05 -3.08
C PHE B 44 14.28 -7.65 -2.67
N HIS B 45 15.53 -7.49 -2.27
CA HIS B 45 16.01 -6.18 -1.84
C HIS B 45 16.10 -5.23 -3.03
N ASP B 46 15.72 -3.97 -2.80
N ASP B 46 15.72 -3.97 -2.82
CA ASP B 46 15.83 -2.92 -3.81
CA ASP B 46 15.79 -3.01 -3.90
C ASP B 46 17.30 -2.66 -4.12
C ASP B 46 17.23 -2.53 -4.13
N ILE B 47 17.61 -2.47 -5.40
CA ILE B 47 18.98 -2.14 -5.77
C ILE B 47 19.37 -0.72 -5.39
N SER B 48 18.40 0.16 -5.17
CA SER B 48 18.64 1.56 -4.82
C SER B 48 17.93 1.84 -3.50
N PRO B 49 18.41 1.28 -2.40
CA PRO B 49 17.63 1.36 -1.16
C PRO B 49 17.56 2.77 -0.61
N GLN B 50 16.38 3.12 -0.10
CA GLN B 50 16.11 4.44 0.46
C GLN B 50 16.00 4.40 1.97
N ALA B 51 16.27 3.24 2.58
CA ALA B 51 16.24 3.05 4.02
C ALA B 51 17.17 1.89 4.32
N PRO B 52 17.57 1.71 5.58
CA PRO B 52 18.47 0.59 5.88
C PRO B 52 17.92 -0.75 5.44
N THR B 53 16.61 -0.95 5.50
CA THR B 53 15.94 -2.06 4.86
C THR B 53 14.95 -1.50 3.84
N HIS B 54 15.08 -1.95 2.59
CA HIS B 54 14.19 -1.50 1.54
C HIS B 54 14.08 -2.65 0.55
N PHE B 55 12.93 -3.29 0.52
CA PHE B 55 12.71 -4.41 -0.39
C PHE B 55 11.41 -4.22 -1.15
N LEU B 56 11.22 -5.08 -2.15
CA LEU B 56 10.06 -5.07 -3.01
C LEU B 56 9.37 -6.43 -2.92
N VAL B 57 8.04 -6.41 -3.00
CA VAL B 57 7.25 -7.62 -3.21
C VAL B 57 6.48 -7.43 -4.51
N ILE B 58 6.65 -8.35 -5.45
CA ILE B 58 6.06 -8.21 -6.77
C ILE B 58 5.29 -9.46 -7.13
N PRO B 59 4.17 -9.35 -7.83
CA PRO B 59 3.49 -10.53 -8.32
C PRO B 59 4.25 -11.12 -9.50
N LYS B 60 4.15 -12.43 -9.67
CA LYS B 60 4.69 -13.04 -10.89
C LYS B 60 3.84 -12.70 -12.10
N LYS B 61 2.54 -12.50 -11.91
CA LYS B 61 1.67 -12.05 -12.99
C LYS B 61 2.07 -10.63 -13.39
N HIS B 62 2.22 -10.39 -14.69
CA HIS B 62 2.62 -9.05 -15.14
C HIS B 62 1.42 -8.14 -15.22
N ILE B 63 1.09 -7.53 -14.08
CA ILE B 63 0.18 -6.41 -13.99
C ILE B 63 1.05 -5.16 -14.10
N SER B 64 0.80 -4.33 -15.11
CA SER B 64 1.74 -3.23 -15.38
C SER B 64 1.69 -2.12 -14.33
N GLN B 65 0.53 -1.88 -13.73
CA GLN B 65 0.36 -0.79 -12.77
C GLN B 65 -0.95 -1.02 -12.05
N ILE B 66 -1.03 -0.48 -10.84
CA ILE B 66 -2.20 -0.74 -10.00
C ILE B 66 -3.48 -0.22 -10.65
N SER B 67 -3.37 0.82 -11.47
CA SER B 67 -4.58 1.39 -12.08
C SER B 67 -5.27 0.42 -13.02
N VAL B 68 -4.57 -0.60 -13.52
CA VAL B 68 -5.17 -1.56 -14.44
C VAL B 68 -5.43 -2.91 -13.77
N ALA B 69 -5.21 -3.02 -12.46
CA ALA B 69 -5.48 -4.27 -11.78
C ALA B 69 -6.97 -4.60 -11.86
N GLU B 70 -7.26 -5.89 -12.07
CA GLU B 70 -8.62 -6.37 -12.20
C GLU B 70 -9.16 -6.79 -10.84
N ASP B 71 -10.49 -6.85 -10.75
CA ASP B 71 -11.14 -7.22 -9.49
C ASP B 71 -10.68 -8.59 -9.02
N ASP B 72 -10.47 -9.53 -9.94
CA ASP B 72 -10.04 -10.87 -9.59
C ASP B 72 -8.64 -10.91 -9.00
N ASP B 73 -7.87 -9.83 -9.12
CA ASP B 73 -6.52 -9.73 -8.56
C ASP B 73 -6.51 -9.32 -7.10
N GLU B 74 -7.68 -9.10 -6.50
N GLU B 74 -7.68 -9.12 -6.47
CA GLU B 74 -7.75 -8.55 -5.16
CA GLU B 74 -7.70 -8.50 -5.14
C GLU B 74 -6.92 -9.35 -4.17
C GLU B 74 -6.97 -9.33 -4.11
N SER B 75 -7.16 -10.66 -4.10
CA SER B 75 -6.48 -11.44 -3.08
C SER B 75 -4.99 -11.56 -3.37
N LEU B 76 -4.60 -11.55 -4.64
CA LEU B 76 -3.17 -11.52 -4.99
C LEU B 76 -2.51 -10.24 -4.47
N LEU B 77 -3.17 -9.09 -4.66
CA LEU B 77 -2.63 -7.84 -4.13
C LEU B 77 -2.50 -7.90 -2.62
N GLY B 78 -3.52 -8.41 -1.93
CA GLY B 78 -3.43 -8.59 -0.49
C GLY B 78 -2.32 -9.55 -0.10
N HIS B 79 -2.11 -10.59 -0.91
CA HIS B 79 -1.00 -11.51 -0.68
C HIS B 79 0.34 -10.80 -0.70
N LEU B 80 0.52 -9.83 -1.60
CA LEU B 80 1.76 -9.06 -1.59
C LEU B 80 1.96 -8.37 -0.25
N MET B 81 0.88 -7.84 0.32
N MET B 81 0.88 -7.83 0.33
N MET B 81 0.88 -7.84 0.33
CA MET B 81 0.97 -7.12 1.59
CA MET B 81 1.01 -7.13 1.60
CA MET B 81 1.00 -7.12 1.60
C MET B 81 1.24 -8.07 2.76
C MET B 81 1.27 -8.08 2.76
C MET B 81 1.25 -8.08 2.75
N ILE B 82 0.61 -9.25 2.75
CA ILE B 82 0.85 -10.23 3.81
C ILE B 82 2.28 -10.76 3.72
N VAL B 83 2.76 -11.09 2.52
CA VAL B 83 4.16 -11.47 2.34
C VAL B 83 5.07 -10.33 2.79
N GLY B 84 4.74 -9.10 2.42
CA GLY B 84 5.56 -7.97 2.84
C GLY B 84 5.67 -7.84 4.34
N LYS B 85 4.54 -7.98 5.04
CA LYS B 85 4.60 -7.83 6.50
C LYS B 85 5.34 -8.99 7.15
N LYS B 86 5.22 -10.20 6.60
CA LYS B 86 5.96 -11.32 7.14
C LYS B 86 7.46 -11.15 6.89
N CYS B 87 7.85 -10.72 5.69
CA CYS B 87 9.26 -10.46 5.41
C CYS B 87 9.81 -9.35 6.30
N ALA B 88 9.01 -8.31 6.54
CA ALA B 88 9.46 -7.22 7.40
C ALA B 88 9.78 -7.72 8.80
N ALA B 89 8.91 -8.57 9.35
CA ALA B 89 9.17 -9.14 10.67
C ALA B 89 10.44 -9.99 10.65
N ASP B 90 10.60 -10.81 9.60
CA ASP B 90 11.78 -11.67 9.51
C ASP B 90 13.07 -10.85 9.38
N LEU B 91 12.99 -9.66 8.79
CA LEU B 91 14.13 -8.78 8.63
C LEU B 91 14.34 -7.86 9.82
N GLY B 92 13.57 -8.06 10.91
CA GLY B 92 13.82 -7.36 12.15
C GLY B 92 13.23 -5.98 12.29
N LEU B 93 12.22 -5.64 11.47
CA LEU B 93 11.62 -4.31 11.49
C LEU B 93 10.55 -4.18 12.58
N ASN B 94 10.98 -4.40 13.82
CA ASN B 94 10.06 -4.41 14.97
C ASN B 94 9.60 -3.02 15.38
N LYS B 95 10.26 -1.96 14.92
CA LYS B 95 9.82 -0.60 15.21
C LYS B 95 8.89 -0.05 14.14
N GLY B 96 8.64 -0.79 13.08
CA GLY B 96 7.70 -0.38 12.06
C GLY B 96 8.35 -0.22 10.70
N TYR B 97 7.51 0.18 9.74
CA TYR B 97 7.94 0.29 8.35
C TYR B 97 6.84 0.98 7.56
N ARG B 98 7.14 1.27 6.30
CA ARG B 98 6.20 1.91 5.39
C ARG B 98 6.09 1.08 4.13
N MET B 99 4.86 0.85 3.67
CA MET B 99 4.60 0.16 2.40
C MET B 99 4.10 1.18 1.39
N VAL B 100 4.61 1.09 0.16
CA VAL B 100 4.29 2.07 -0.88
C VAL B 100 4.01 1.37 -2.19
N VAL B 101 2.95 1.80 -2.88
CA VAL B 101 2.73 1.47 -4.29
C VAL B 101 2.64 2.78 -5.06
N ASN B 102 3.48 2.92 -6.08
CA ASN B 102 3.49 4.10 -6.93
C ASN B 102 2.73 3.82 -8.21
N GLU B 103 1.93 4.79 -8.66
CA GLU B 103 1.19 4.71 -9.91
C GLU B 103 1.55 5.89 -10.81
N GLY B 104 2.03 5.59 -12.01
CA GLY B 104 2.16 6.61 -13.03
C GLY B 104 3.23 7.65 -12.74
N SER B 105 3.18 8.73 -13.53
N SER B 105 3.17 8.72 -13.53
CA SER B 105 4.25 9.72 -13.44
CA SER B 105 4.20 9.75 -13.49
C SER B 105 4.19 10.53 -12.15
C SER B 105 4.17 10.51 -12.18
N ASP B 106 2.99 10.98 -11.76
CA ASP B 106 2.89 11.71 -10.50
C ASP B 106 3.22 10.82 -9.31
N GLY B 107 2.92 9.52 -9.39
CA GLY B 107 3.29 8.61 -8.32
C GLY B 107 4.75 8.26 -8.29
N GLY B 108 5.50 8.62 -9.33
CA GLY B 108 6.91 8.27 -9.37
C GLY B 108 7.17 6.81 -9.66
N GLN B 109 6.25 6.14 -10.35
CA GLN B 109 6.42 4.71 -10.64
C GLN B 109 7.61 4.51 -11.57
N SER B 110 8.58 3.72 -11.14
N SER B 110 8.57 3.70 -11.13
CA SER B 110 9.83 3.59 -11.88
CA SER B 110 9.84 3.57 -11.83
C SER B 110 9.83 2.43 -12.87
C SER B 110 9.89 2.39 -12.80
N VAL B 111 9.06 1.37 -12.60
CA VAL B 111 9.02 0.17 -13.43
C VAL B 111 7.55 -0.18 -13.61
N TYR B 112 7.15 -0.45 -14.85
CA TYR B 112 5.76 -0.77 -15.15
C TYR B 112 5.49 -2.28 -14.99
N HIS B 113 5.72 -2.71 -13.76
CA HIS B 113 5.31 -4.01 -13.25
C HIS B 113 4.97 -3.72 -11.80
N VAL B 114 3.73 -4.01 -11.38
N VAL B 114 3.71 -3.93 -11.40
CA VAL B 114 3.27 -3.66 -10.05
CA VAL B 114 3.28 -3.46 -10.09
C VAL B 114 4.29 -4.10 -9.00
C VAL B 114 4.16 -4.06 -9.00
N HIS B 115 4.57 -3.22 -8.06
CA HIS B 115 5.50 -3.58 -6.99
C HIS B 115 5.16 -2.85 -5.70
N LEU B 116 5.23 -3.58 -4.59
CA LEU B 116 5.05 -3.03 -3.26
C LEU B 116 6.43 -2.78 -2.65
N HIS B 117 6.74 -1.52 -2.36
CA HIS B 117 7.95 -1.18 -1.61
C HIS B 117 7.67 -1.39 -0.12
N VAL B 118 8.68 -1.88 0.61
CA VAL B 118 8.65 -1.94 2.06
C VAL B 118 9.95 -1.34 2.58
N LEU B 119 9.84 -0.27 3.37
CA LEU B 119 11.00 0.47 3.86
C LEU B 119 10.96 0.56 5.38
N GLY B 120 12.11 0.34 6.00
CA GLY B 120 12.21 0.51 7.43
C GLY B 120 13.65 0.55 7.89
N GLY B 121 13.83 0.46 9.21
CA GLY B 121 15.14 0.60 9.81
C GLY B 121 15.57 2.03 10.05
N ARG B 122 14.69 2.99 9.78
CA ARG B 122 14.88 4.39 10.14
C ARG B 122 13.50 4.97 10.32
N GLN B 123 13.44 6.15 10.93
CA GLN B 123 12.19 6.90 10.96
C GLN B 123 11.81 7.32 9.55
N MET B 124 10.60 6.93 9.12
CA MET B 124 10.03 7.43 7.88
C MET B 124 9.27 8.72 8.18
N HIS B 125 9.32 9.68 7.27
CA HIS B 125 8.88 11.03 7.52
C HIS B 125 7.57 11.34 6.80
N TRP B 126 7.00 12.49 7.12
CA TRP B 126 5.72 12.91 6.57
C TRP B 126 5.91 14.34 6.06
N PRO B 127 5.49 14.65 4.82
CA PRO B 127 4.74 13.83 3.87
C PRO B 127 5.59 12.69 3.29
N PRO B 128 4.93 11.68 2.73
CA PRO B 128 5.64 10.53 2.15
C PRO B 128 6.09 10.80 0.72
N GLY B 129 6.95 11.81 0.56
CA GLY B 129 7.28 12.33 -0.75
C GLY B 129 6.30 13.41 -1.17
N1 KBD C . -10.91 12.77 10.00
N3 KBD C . -8.94 12.07 8.84
C4 KBD C . -8.28 11.97 10.02
C5 KBD C . -8.96 12.27 11.29
C6 KBD C . -10.36 12.69 11.22
C7 KBD C . 0.26 9.49 9.02
C7 KBD C . 0.34 10.02 9.29
C8 KBD C . -6.91 11.67 11.69
C15 KBD C . 0.77 10.60 9.92
C17 KBD C . 2.60 11.94 10.74
C20 KBD C . -0.11 11.31 10.73
C1 KBD C . -1.25 7.89 10.06
C1 KBD C . -1.05 8.05 9.46
C16 KBD C . 2.12 10.91 9.91
C18 KBD C . 1.72 12.65 11.54
C19 KBD C . 0.37 12.34 11.54
O2 KBD C . -1.58 7.01 10.83
O2 KBD C . -1.20 6.84 9.49
C2 KBD C . -10.24 12.46 8.88
N2 KBD C . -10.92 12.58 7.71
N4 KBD C . 0.00 8.28 9.79
N4 KBD C . 0.14 8.63 9.59
C1' KBD C . -6.00 11.26 9.42
C2' KBD C . -4.72 12.07 9.65
C3' KBD C . -3.63 11.14 9.10
C4' KBD C . -4.30 9.76 9.07
C5' KBD C . -3.58 8.69 9.84
C5' KBD C . -3.38 8.70 10.06
N7 KBD C . -8.07 12.07 12.27
N9 KBD C . -7.06 11.61 10.34
O2' KBD C . -4.80 13.36 9.07
O3' KBD C . -3.20 11.50 7.78
O4' KBD C . -5.63 9.94 9.63
O5' KBD C . -2.25 8.62 9.34
O5' KBD C . -2.22 8.90 9.26
O6 KBD C . -11.00 12.98 12.25
C1 EDO D . -21.01 -3.44 6.17
O1 EDO D . -20.38 -4.41 7.00
C2 EDO D . -22.20 -2.72 6.79
O2 EDO D . -21.87 -1.34 6.98
C1 EDO E . -17.19 -5.89 9.10
O1 EDO E . -16.51 -6.99 9.70
C2 EDO E . -16.79 -5.76 7.63
O2 EDO E . -17.22 -6.90 6.89
CL CL F . 8.33 2.88 -8.17
#